data_6KVX
#
_entry.id   6KVX
#
_cell.length_a   97.899
_cell.length_b   97.899
_cell.length_c   61.619
_cell.angle_alpha   90.00
_cell.angle_beta   90.00
_cell.angle_gamma   120.00
#
_symmetry.space_group_name_H-M   'P 65'
#
loop_
_entity.id
_entity.type
_entity.pdbx_description
1 polymer 'Endolysin,Calcium uniporter protein, mitochondrial'
2 non-polymer 'SULFATE ION'
#
_entity_poly.entity_id   1
_entity_poly.type   'polypeptide(L)'
_entity_poly.pdbx_seq_one_letter_code
;MNIFEMLRIDEGLRLKIYKNTEGYYTIGIGHLLTKSPSLNAAKSELDKAIGRNTNGVITKDEAEKLFNQDVDAAVRGILR
NAKLKPVYDSLDAVRRAALINMVFQMGETGVAGFTNSLRMLQQKRWDEAAVNLAKSRWYNQTPNRAKRVITTFRTGTWDA
YGSVTVVYQNGLPVISVRLPSRRERCQFTLKPISDSVGVFLRQLQEEARGIDRVAIYSPDGVRVAASTGIDLLLLDDFKL
VINDLTYHVRPPKLEHHHHHH
;
_entity_poly.pdbx_strand_id   A
#
loop_
_chem_comp.id
_chem_comp.type
_chem_comp.name
_chem_comp.formula
SO4 non-polymer 'SULFATE ION' 'O4 S -2'
#
# COMPACT_ATOMS: atom_id res chain seq x y z
N MET A 1 8.36 -2.32 9.08
CA MET A 1 7.11 -1.83 8.46
C MET A 1 6.93 -0.33 8.77
N ASN A 2 6.41 0.42 7.78
CA ASN A 2 6.32 1.89 7.88
C ASN A 2 5.38 2.50 6.82
N ILE A 3 5.32 3.83 6.74
CA ILE A 3 4.35 4.54 5.87
C ILE A 3 4.53 4.20 4.41
N PHE A 4 5.77 3.92 4.02
CA PHE A 4 6.11 3.66 2.62
C PHE A 4 5.60 2.33 2.16
N GLU A 5 5.84 1.30 2.98
CA GLU A 5 5.27 -0.02 2.72
C GLU A 5 3.76 -0.03 2.90
N MET A 6 3.28 0.69 3.91
CA MET A 6 1.86 0.81 4.15
C MET A 6 1.12 1.34 2.93
N LEU A 7 1.67 2.38 2.30
CA LEU A 7 1.02 2.98 1.14
C LEU A 7 1.20 2.13 -0.13
N ARG A 8 2.36 1.49 -0.28
CA ARG A 8 2.51 0.49 -1.33
C ARG A 8 1.31 -0.47 -1.31
N ILE A 9 1.01 -0.97 -0.12
CA ILE A 9 -0.05 -1.94 0.03
C ILE A 9 -1.37 -1.32 -0.35
N ASP A 10 -1.69 -0.16 0.21
CA ASP A 10 -2.99 0.49 -0.08
C ASP A 10 -3.16 0.94 -1.49
N GLU A 11 -2.06 1.26 -2.16
CA GLU A 11 -2.13 1.98 -3.44
C GLU A 11 -1.72 1.09 -4.65
N GLY A 12 -1.07 -0.05 -4.39
CA GLY A 12 -0.53 -0.89 -5.44
C GLY A 12 0.45 -0.14 -6.31
N LEU A 13 0.65 -0.65 -7.53
CA LEU A 13 1.58 -0.06 -8.47
C LEU A 13 1.10 -0.32 -9.88
N ARG A 14 0.75 0.72 -10.61
CA ARG A 14 0.34 0.58 -12.01
C ARG A 14 1.17 1.50 -12.91
N LEU A 15 1.66 0.99 -14.01
CA LEU A 15 2.58 1.72 -14.90
C LEU A 15 1.88 2.34 -16.13
N LYS A 16 0.56 2.16 -16.21
CA LYS A 16 -0.28 2.83 -17.21
C LYS A 16 -1.35 3.67 -16.54
N ILE A 17 -1.77 4.76 -17.17
CA ILE A 17 -2.83 5.60 -16.63
C ILE A 17 -4.05 4.74 -16.31
N TYR A 18 -4.73 5.07 -15.20
CA TYR A 18 -5.96 4.37 -14.82
C TYR A 18 -6.82 5.22 -13.85
N LYS A 19 -8.09 4.86 -13.71
CA LYS A 19 -9.02 5.63 -12.86
C LYS A 19 -9.06 5.01 -11.48
N ASN A 20 -8.90 5.82 -10.46
CA ASN A 20 -9.04 5.34 -9.11
C ASN A 20 -10.52 5.15 -8.74
N THR A 21 -10.76 4.68 -7.53
CA THR A 21 -12.11 4.44 -7.00
C THR A 21 -13.01 5.68 -7.00
N GLU A 22 -12.42 6.87 -6.94
CA GLU A 22 -13.14 8.13 -7.14
C GLU A 22 -13.23 8.53 -8.63
N GLY A 23 -12.85 7.59 -9.54
CA GLY A 23 -12.88 7.83 -10.99
C GLY A 23 -11.85 8.82 -11.55
N TYR A 24 -10.85 9.20 -10.75
CA TYR A 24 -9.86 10.19 -11.16
C TYR A 24 -8.60 9.55 -11.74
N TYR A 25 -8.06 10.16 -12.81
CA TYR A 25 -6.93 9.57 -13.52
C TYR A 25 -5.65 9.62 -12.69
N THR A 26 -4.99 8.46 -12.63
CA THR A 26 -3.99 8.16 -11.64
C THR A 26 -2.94 7.27 -12.32
N ILE A 27 -1.75 7.21 -11.74
CA ILE A 27 -0.66 6.39 -12.30
C ILE A 27 0.43 6.16 -11.25
N GLY A 28 1.08 5.00 -11.31
CA GLY A 28 2.13 4.67 -10.39
C GLY A 28 1.57 4.12 -9.10
N ILE A 29 2.09 4.62 -7.98
CA ILE A 29 1.64 4.19 -6.66
C ILE A 29 0.62 5.17 -6.04
N GLY A 30 -0.45 5.44 -6.77
CA GLY A 30 -1.49 6.33 -6.32
C GLY A 30 -1.21 7.77 -6.59
N HIS A 31 -0.49 8.05 -7.66
CA HIS A 31 -0.25 9.43 -8.03
C HIS A 31 -1.41 9.99 -8.79
N LEU A 32 -2.10 10.93 -8.15
CA LEU A 32 -3.20 11.66 -8.80
C LEU A 32 -2.66 12.64 -9.83
N LEU A 33 -3.10 12.47 -11.06
CA LEU A 33 -2.60 13.24 -12.18
C LEU A 33 -3.35 14.55 -12.27
N THR A 34 -4.66 14.46 -12.16
CA THR A 34 -5.53 15.60 -12.42
C THR A 34 -6.90 15.26 -11.87
N LYS A 35 -7.77 16.27 -11.76
CA LYS A 35 -9.23 16.02 -11.51
C LYS A 35 -10.09 16.26 -12.77
N SER A 36 -9.47 16.78 -13.83
CA SER A 36 -10.09 16.84 -15.14
C SER A 36 -10.62 15.48 -15.53
N PRO A 37 -11.78 15.45 -16.21
CA PRO A 37 -12.32 14.21 -16.80
C PRO A 37 -11.75 13.91 -18.17
N SER A 38 -10.99 14.86 -18.74
CA SER A 38 -10.33 14.63 -20.01
C SER A 38 -9.10 13.78 -19.82
N LEU A 39 -9.02 12.71 -20.59
CA LEU A 39 -7.87 11.81 -20.59
C LEU A 39 -6.63 12.50 -21.11
N ASN A 40 -6.79 13.35 -22.10
CA ASN A 40 -5.62 14.04 -22.70
C ASN A 40 -4.95 15.02 -21.77
N ALA A 41 -5.74 15.62 -20.89
CA ALA A 41 -5.23 16.48 -19.82
C ALA A 41 -4.39 15.67 -18.81
N ALA A 42 -4.89 14.49 -18.47
CA ALA A 42 -4.17 13.55 -17.65
C ALA A 42 -2.87 13.14 -18.28
N LYS A 43 -2.93 12.83 -19.59
CA LYS A 43 -1.76 12.37 -20.33
C LYS A 43 -0.72 13.44 -20.46
N SER A 44 -1.16 14.70 -20.59
CA SER A 44 -0.26 15.85 -20.60
C SER A 44 0.30 16.14 -19.19
N GLU A 45 -0.55 16.07 -18.18
CA GLU A 45 -0.07 16.26 -16.83
C GLU A 45 0.97 15.21 -16.44
N LEU A 46 0.88 14.04 -17.07
CA LEU A 46 1.85 12.95 -16.83
C LEU A 46 3.23 13.31 -17.32
N ASP A 47 3.28 13.86 -18.52
CA ASP A 47 4.55 14.12 -19.19
C ASP A 47 5.34 15.19 -18.45
N LYS A 48 4.65 16.21 -17.96
CA LYS A 48 5.27 17.30 -17.19
C LYS A 48 5.84 16.80 -15.89
N ALA A 49 5.10 15.92 -15.23
CA ALA A 49 5.51 15.36 -13.95
C ALA A 49 6.72 14.43 -14.07
N ILE A 50 6.91 13.84 -15.26
CA ILE A 50 8.05 12.93 -15.54
C ILE A 50 9.23 13.64 -16.23
N GLY A 51 8.94 14.55 -17.15
CA GLY A 51 9.97 15.24 -17.93
C GLY A 51 10.33 14.54 -19.23
N ARG A 52 9.37 13.82 -19.83
CA ARG A 52 9.50 13.27 -21.20
C ARG A 52 8.14 12.92 -21.76
N ASN A 53 8.07 12.56 -23.03
CA ASN A 53 6.81 12.15 -23.64
C ASN A 53 6.51 10.68 -23.39
N THR A 54 5.45 10.45 -22.64
CA THR A 54 5.27 9.21 -21.89
C THR A 54 4.33 8.25 -22.64
N ASN A 55 3.45 8.79 -23.48
CA ASN A 55 2.42 8.01 -24.16
C ASN A 55 1.60 7.23 -23.15
N GLY A 56 1.40 7.83 -21.98
CA GLY A 56 0.65 7.20 -20.90
C GLY A 56 1.23 5.94 -20.30
N VAL A 57 2.55 5.77 -20.37
CA VAL A 57 3.24 4.65 -19.70
C VAL A 57 4.57 5.05 -19.03
N ILE A 58 4.72 4.69 -17.76
CA ILE A 58 5.97 4.92 -17.01
C ILE A 58 6.67 3.62 -16.54
N THR A 59 7.86 3.77 -15.98
CA THR A 59 8.70 2.66 -15.47
C THR A 59 8.68 2.61 -13.94
N LYS A 60 9.31 1.60 -13.36
CA LYS A 60 9.31 1.45 -11.90
C LYS A 60 10.15 2.54 -11.29
N ASP A 61 11.30 2.81 -11.88
CA ASP A 61 12.14 3.91 -11.39
C ASP A 61 11.34 5.21 -11.36
N GLU A 62 10.61 5.50 -12.42
CA GLU A 62 9.73 6.67 -12.46
C GLU A 62 8.60 6.62 -11.44
N ALA A 63 8.04 5.44 -11.19
CA ALA A 63 6.97 5.29 -10.20
C ALA A 63 7.39 5.66 -8.80
N GLU A 64 8.61 5.26 -8.42
CA GLU A 64 9.09 5.40 -7.03
C GLU A 64 9.66 6.78 -6.76
N LYS A 65 9.95 7.52 -7.84
CA LYS A 65 10.43 8.89 -7.71
C LYS A 65 9.23 9.72 -7.34
N LEU A 66 8.20 9.64 -8.18
CA LEU A 66 6.90 10.24 -7.86
C LEU A 66 6.47 9.94 -6.43
N PHE A 67 6.57 8.66 -6.06
CA PHE A 67 6.05 8.17 -4.80
C PHE A 67 6.75 8.87 -3.66
N ASN A 68 8.09 8.85 -3.69
CA ASN A 68 8.88 9.51 -2.66
C ASN A 68 8.57 11.02 -2.61
N GLN A 69 8.35 11.64 -3.76
CA GLN A 69 7.95 13.04 -3.78
C GLN A 69 6.63 13.26 -3.07
N ASP A 70 5.57 12.60 -3.56
CA ASP A 70 4.19 12.73 -3.02
C ASP A 70 4.08 12.51 -1.50
N VAL A 71 4.97 11.71 -0.95
CA VAL A 71 4.94 11.42 0.46
C VAL A 71 5.62 12.52 1.21
N ASP A 72 6.71 13.06 0.67
CA ASP A 72 7.30 14.24 1.29
C ASP A 72 6.37 15.47 1.12
N ALA A 73 5.76 15.61 -0.04
CA ALA A 73 4.69 16.57 -0.22
C ALA A 73 3.58 16.42 0.82
N ALA A 74 3.29 15.20 1.23
CA ALA A 74 2.25 14.96 2.22
C ALA A 74 2.77 15.27 3.59
N VAL A 75 3.94 14.75 3.92
CA VAL A 75 4.49 14.94 5.26
C VAL A 75 4.85 16.39 5.52
N ARG A 76 5.50 17.03 4.55
CA ARG A 76 5.66 18.50 4.60
C ARG A 76 4.26 19.18 4.67
N GLY A 77 3.39 18.89 3.72
CA GLY A 77 2.01 19.41 3.77
C GLY A 77 1.34 19.36 5.15
N ILE A 78 1.55 18.28 5.86
CA ILE A 78 1.09 18.19 7.25
C ILE A 78 1.68 19.36 8.05
N LEU A 79 3.02 19.42 8.07
CA LEU A 79 3.76 20.27 9.01
C LEU A 79 3.55 21.80 8.84
N ARG A 80 2.92 22.18 7.72
CA ARG A 80 2.60 23.56 7.45
C ARG A 80 1.08 23.82 7.48
N ASN A 81 0.34 22.96 8.18
CA ASN A 81 -1.13 23.10 8.28
C ASN A 81 -1.52 23.21 9.74
N ALA A 82 -2.38 24.20 10.03
CA ALA A 82 -2.71 24.66 11.40
C ALA A 82 -3.32 23.54 12.22
N LYS A 83 -4.40 22.97 11.68
CA LYS A 83 -5.12 21.88 12.34
C LYS A 83 -4.27 20.61 12.45
N LEU A 84 -3.50 20.28 11.40
CA LEU A 84 -2.88 18.95 11.28
C LEU A 84 -1.54 18.79 12.01
N LYS A 85 -0.85 19.89 12.30
CA LYS A 85 0.50 19.83 12.89
C LYS A 85 0.56 19.36 14.34
N PRO A 86 -0.24 19.97 15.25
CA PRO A 86 -0.10 19.55 16.67
C PRO A 86 -0.53 18.08 16.89
N VAL A 87 -1.51 17.64 16.11
CA VAL A 87 -1.95 16.25 16.15
C VAL A 87 -0.75 15.44 15.68
N TYR A 88 -0.28 15.69 14.45
CA TYR A 88 0.89 15.00 13.93
C TYR A 88 2.00 14.97 14.97
N ASP A 89 2.29 16.14 15.56
CA ASP A 89 3.34 16.31 16.61
C ASP A 89 3.11 15.39 17.78
N SER A 90 1.86 15.36 18.25
CA SER A 90 1.46 14.53 19.39
C SER A 90 1.69 13.05 19.14
N LEU A 91 1.28 12.58 17.96
CA LEU A 91 1.20 11.13 17.64
C LEU A 91 2.58 10.47 17.62
N ASP A 92 2.59 9.15 17.87
CA ASP A 92 3.79 8.32 17.66
C ASP A 92 3.92 7.97 16.17
N ALA A 93 5.10 7.49 15.79
CA ALA A 93 5.43 7.22 14.38
C ALA A 93 4.32 6.43 13.65
N VAL A 94 3.74 5.45 14.35
CA VAL A 94 2.74 4.58 13.75
C VAL A 94 1.45 5.32 13.42
N ARG A 95 0.94 6.12 14.35
CA ARG A 95 -0.29 6.86 14.06
C ARG A 95 -0.01 8.01 13.08
N ARG A 96 1.23 8.48 13.06
CA ARG A 96 1.64 9.53 12.10
C ARG A 96 1.55 8.98 10.69
N ALA A 97 1.98 7.73 10.54
CA ALA A 97 1.80 7.01 9.30
C ALA A 97 0.35 6.92 8.90
N ALA A 98 -0.52 6.58 9.83
CA ALA A 98 -1.93 6.55 9.52
C ALA A 98 -2.40 7.87 8.96
N LEU A 99 -1.87 8.97 9.50
CA LEU A 99 -2.37 10.30 9.15
C LEU A 99 -1.91 10.75 7.76
N ILE A 100 -0.65 10.46 7.47
CA ILE A 100 -0.05 10.76 6.18
C ILE A 100 -0.79 10.01 5.11
N ASN A 101 -1.05 8.75 5.38
CA ASN A 101 -1.95 7.95 4.57
C ASN A 101 -3.26 8.67 4.22
N MET A 102 -3.91 9.25 5.24
CA MET A 102 -5.17 9.95 5.03
C MET A 102 -4.96 11.17 4.11
N VAL A 103 -3.94 11.97 4.43
CA VAL A 103 -3.56 13.14 3.59
C VAL A 103 -3.28 12.70 2.16
N PHE A 104 -2.40 11.69 2.07
CA PHE A 104 -1.96 11.16 0.81
C PHE A 104 -3.14 10.82 -0.08
N GLN A 105 -4.16 10.22 0.50
CA GLN A 105 -5.32 9.81 -0.25
C GLN A 105 -6.18 10.98 -0.67
N MET A 106 -6.46 11.91 0.23
CA MET A 106 -7.56 12.89 0.03
C MET A 106 -7.16 14.36 0.27
N GLY A 107 -5.86 14.60 0.42
CA GLY A 107 -5.36 15.95 0.50
C GLY A 107 -5.55 16.58 1.86
N GLU A 108 -4.98 17.78 2.00
CA GLU A 108 -4.82 18.43 3.29
C GLU A 108 -6.15 18.92 3.79
N THR A 109 -6.86 19.67 2.94
CA THR A 109 -8.11 20.30 3.34
C THR A 109 -9.22 19.26 3.49
N GLY A 110 -9.15 18.18 2.72
CA GLY A 110 -10.02 17.00 2.97
C GLY A 110 -9.88 16.38 4.38
N VAL A 111 -8.67 16.42 4.92
CA VAL A 111 -8.36 15.79 6.22
C VAL A 111 -8.43 16.79 7.38
N ALA A 112 -8.46 18.08 7.07
CA ALA A 112 -8.76 19.10 8.10
C ALA A 112 -10.25 19.05 8.50
N GLY A 113 -11.12 18.69 7.58
CA GLY A 113 -12.54 18.60 7.87
C GLY A 113 -12.97 17.67 9.01
N PHE A 114 -12.03 16.85 9.48
CA PHE A 114 -12.29 15.92 10.58
C PHE A 114 -11.80 16.52 11.89
N THR A 115 -12.36 17.68 12.24
CA THR A 115 -12.03 18.42 13.47
C THR A 115 -12.25 17.62 14.73
N ASN A 116 -13.41 16.95 14.78
CA ASN A 116 -13.77 16.16 15.95
C ASN A 116 -12.82 15.00 16.10
N SER A 117 -12.73 14.19 15.06
CA SER A 117 -11.81 13.05 15.05
C SER A 117 -10.39 13.50 15.38
N LEU A 118 -9.94 14.60 14.79
CA LEU A 118 -8.59 15.14 15.05
C LEU A 118 -8.38 15.53 16.51
N ARG A 119 -9.36 16.24 17.06
CA ARG A 119 -9.43 16.55 18.50
C ARG A 119 -9.35 15.29 19.40
N MET A 120 -10.23 14.31 19.13
CA MET A 120 -10.22 13.02 19.88
C MET A 120 -8.86 12.36 19.74
N LEU A 121 -8.35 12.37 18.52
CA LEU A 121 -7.02 11.89 18.22
C LEU A 121 -6.01 12.53 19.10
N GLN A 122 -6.02 13.85 19.10
CA GLN A 122 -5.02 14.62 19.86
C GLN A 122 -5.04 14.32 21.38
N GLN A 123 -6.24 14.18 21.93
CA GLN A 123 -6.42 13.83 23.33
C GLN A 123 -6.14 12.34 23.65
N LYS A 124 -5.63 11.56 22.67
CA LYS A 124 -5.42 10.10 22.82
C LYS A 124 -6.69 9.22 22.93
N ARG A 125 -7.82 9.77 22.49
CA ARG A 125 -9.10 9.10 22.61
C ARG A 125 -9.30 8.17 21.40
N TRP A 126 -8.42 7.17 21.32
CA TRP A 126 -8.40 6.22 20.22
C TRP A 126 -9.65 5.61 19.60
N ASP A 127 -10.37 4.83 20.38
CA ASP A 127 -11.65 4.21 19.96
C ASP A 127 -12.73 5.20 19.61
N GLU A 128 -12.69 6.34 20.25
CA GLU A 128 -13.70 7.36 20.01
C GLU A 128 -13.43 7.92 18.62
N ALA A 129 -12.16 8.22 18.37
CA ALA A 129 -11.70 8.67 17.05
C ALA A 129 -12.05 7.64 15.96
N ALA A 130 -11.67 6.40 16.23
CA ALA A 130 -11.97 5.29 15.36
C ALA A 130 -13.47 5.21 15.06
N VAL A 131 -14.27 5.11 16.11
CA VAL A 131 -15.74 5.06 15.94
C VAL A 131 -16.22 6.25 15.11
N ASN A 132 -15.67 7.42 15.37
CA ASN A 132 -16.07 8.59 14.67
C ASN A 132 -15.66 8.59 13.19
N LEU A 133 -14.38 8.25 12.92
CA LEU A 133 -13.84 8.12 11.53
C LEU A 133 -14.67 7.18 10.67
N ALA A 134 -15.18 6.13 11.27
CA ALA A 134 -16.02 5.17 10.54
C ALA A 134 -17.36 5.75 10.07
N LYS A 135 -17.68 6.98 10.48
CA LYS A 135 -18.94 7.61 10.07
C LYS A 135 -18.80 8.59 8.88
N SER A 136 -17.60 8.71 8.32
CA SER A 136 -17.32 9.71 7.25
C SER A 136 -17.76 9.27 5.85
N ARG A 137 -17.86 10.24 4.94
CA ARG A 137 -17.95 9.95 3.48
C ARG A 137 -16.78 9.04 3.02
N TRP A 138 -15.57 9.33 3.53
CA TRP A 138 -14.34 8.51 3.38
C TRP A 138 -14.57 6.99 3.51
N TYR A 139 -15.12 6.60 4.66
CA TYR A 139 -15.27 5.19 4.98
C TYR A 139 -16.14 4.53 3.94
N ASN A 140 -17.20 5.22 3.53
CA ASN A 140 -18.19 4.62 2.63
C ASN A 140 -17.60 4.38 1.23
N GLN A 141 -16.81 5.34 0.76
CA GLN A 141 -16.21 5.27 -0.57
C GLN A 141 -15.12 4.22 -0.68
N THR A 142 -14.32 4.07 0.38
CA THR A 142 -13.14 3.17 0.35
C THR A 142 -13.11 2.40 1.67
N PRO A 143 -14.12 1.57 1.90
CA PRO A 143 -14.29 1.04 3.25
C PRO A 143 -13.12 0.25 3.83
N ASN A 144 -12.60 -0.73 3.10
CA ASN A 144 -11.60 -1.64 3.71
C ASN A 144 -10.26 -0.96 3.96
N ARG A 145 -9.95 0.05 3.15
CA ARG A 145 -8.77 0.87 3.40
C ARG A 145 -8.93 1.68 4.69
N ALA A 146 -9.98 2.51 4.73
CA ALA A 146 -10.35 3.22 5.93
C ALA A 146 -10.32 2.31 7.15
N LYS A 147 -10.87 1.11 7.05
CA LYS A 147 -10.77 0.11 8.12
C LYS A 147 -9.35 -0.15 8.49
N ARG A 148 -8.48 -0.31 7.51
CA ARG A 148 -7.05 -0.55 7.80
C ARG A 148 -6.44 0.66 8.51
N VAL A 149 -6.71 1.86 7.99
CA VAL A 149 -6.18 3.11 8.57
C VAL A 149 -6.76 3.33 9.96
N ILE A 150 -8.05 3.17 10.08
CA ILE A 150 -8.71 3.31 11.37
C ILE A 150 -8.15 2.35 12.43
N THR A 151 -7.82 1.11 12.03
CA THR A 151 -7.23 0.12 12.95
C THR A 151 -5.83 0.55 13.41
N THR A 152 -5.12 1.23 12.52
CA THR A 152 -3.81 1.72 12.84
C THR A 152 -3.89 2.85 13.84
N PHE A 153 -4.92 3.67 13.72
CA PHE A 153 -5.20 4.70 14.73
C PHE A 153 -5.65 4.09 16.07
N ARG A 154 -6.53 3.09 16.04
N ARG A 154 -6.52 3.08 16.02
CA ARG A 154 -7.03 2.47 17.26
CA ARG A 154 -7.07 2.43 17.21
C ARG A 154 -5.94 1.77 18.05
C ARG A 154 -5.97 1.75 18.03
N THR A 155 -5.22 0.86 17.38
CA THR A 155 -4.18 0.04 18.04
C THR A 155 -2.84 0.70 18.14
N GLY A 156 -2.50 1.52 17.17
CA GLY A 156 -1.13 1.99 17.03
C GLY A 156 -0.15 0.87 16.75
N THR A 157 -0.64 -0.15 16.03
CA THR A 157 0.18 -1.28 15.53
C THR A 157 -0.14 -1.52 14.03
N TRP A 158 0.69 -2.34 13.41
CA TRP A 158 0.52 -2.67 12.01
C TRP A 158 -0.42 -3.87 11.70
N ASP A 159 -1.25 -4.25 12.68
CA ASP A 159 -2.10 -5.45 12.58
C ASP A 159 -2.80 -5.58 11.23
N ALA A 160 -3.29 -4.48 10.69
CA ALA A 160 -4.14 -4.53 9.48
C ALA A 160 -3.32 -4.59 8.20
N TYR A 161 -2.02 -4.30 8.32
CA TYR A 161 -1.10 -4.24 7.19
C TYR A 161 -0.12 -5.39 7.24
N GLY A 162 -0.39 -6.42 6.43
CA GLY A 162 0.47 -7.59 6.38
C GLY A 162 1.71 -7.26 5.56
N SER A 163 2.51 -8.28 5.28
CA SER A 163 3.84 -8.11 4.71
C SER A 163 4.50 -9.45 4.41
N VAL A 164 5.27 -9.48 3.32
CA VAL A 164 5.98 -10.69 2.92
C VAL A 164 7.45 -10.40 2.64
N THR A 165 8.32 -11.30 3.12
CA THR A 165 9.74 -11.13 2.93
C THR A 165 10.38 -12.39 2.52
N VAL A 166 11.53 -12.25 1.91
CA VAL A 166 12.29 -13.35 1.41
C VAL A 166 13.70 -13.25 1.90
N VAL A 167 14.16 -14.30 2.56
CA VAL A 167 15.49 -14.34 3.15
C VAL A 167 16.02 -15.79 3.12
N TYR A 168 17.28 -15.93 2.74
CA TYR A 168 17.90 -17.25 2.56
C TYR A 168 18.41 -17.76 3.91
N GLN A 169 18.08 -19.02 4.21
CA GLN A 169 18.60 -19.72 5.39
C GLN A 169 19.01 -21.09 4.96
N ASN A 170 20.18 -21.54 5.40
CA ASN A 170 20.76 -22.81 4.92
C ASN A 170 20.82 -22.84 3.41
N GLY A 171 21.17 -21.70 2.81
CA GLY A 171 21.22 -21.59 1.35
C GLY A 171 19.91 -21.90 0.63
N LEU A 172 18.78 -21.55 1.26
CA LEU A 172 17.45 -21.83 0.73
C LEU A 172 16.50 -20.69 1.05
N PRO A 173 15.68 -20.27 0.07
CA PRO A 173 14.80 -19.11 0.29
C PRO A 173 13.67 -19.42 1.22
N VAL A 174 13.43 -18.50 2.14
CA VAL A 174 12.38 -18.64 3.13
C VAL A 174 11.45 -17.44 3.07
N ILE A 175 10.20 -17.70 2.75
CA ILE A 175 9.22 -16.66 2.54
C ILE A 175 8.33 -16.62 3.75
N SER A 176 8.49 -15.57 4.56
CA SER A 176 7.57 -15.27 5.67
C SER A 176 6.41 -14.41 5.23
N VAL A 177 5.25 -14.72 5.74
CA VAL A 177 4.05 -14.01 5.45
C VAL A 177 3.38 -13.63 6.74
N ARG A 178 2.82 -12.43 6.85
N ARG A 178 3.00 -12.38 6.96
CA ARG A 178 2.28 -11.86 8.08
CA ARG A 178 2.23 -11.97 8.15
C ARG A 178 0.95 -11.27 7.68
C ARG A 178 0.96 -11.37 7.61
N LEU A 179 -0.16 -11.98 7.97
CA LEU A 179 -1.50 -11.63 7.36
C LEU A 179 -2.26 -10.49 8.12
N PRO A 180 -3.25 -9.85 7.45
CA PRO A 180 -3.92 -8.67 8.05
C PRO A 180 -4.67 -8.86 9.40
N SER A 181 -4.64 -10.04 10.00
CA SER A 181 -5.09 -10.17 11.40
C SER A 181 -4.00 -10.70 12.39
N ARG A 182 -3.18 -11.65 11.95
CA ARG A 182 -2.34 -12.47 12.85
C ARG A 182 -0.92 -11.92 12.73
N ARG A 183 -0.44 -11.29 13.81
CA ARG A 183 0.98 -10.85 13.87
C ARG A 183 1.94 -12.02 14.13
N GLU A 184 1.38 -13.22 14.39
CA GLU A 184 2.09 -14.49 14.14
C GLU A 184 2.32 -14.68 12.63
N ARG A 185 3.58 -14.60 12.24
CA ARG A 185 3.96 -14.83 10.88
C ARG A 185 3.84 -16.31 10.58
N CYS A 186 4.06 -16.65 9.31
CA CYS A 186 4.20 -18.01 8.86
C CYS A 186 5.32 -18.04 7.89
N GLN A 187 6.20 -19.04 7.95
CA GLN A 187 7.20 -19.15 6.94
C GLN A 187 7.16 -20.41 6.10
N PHE A 188 7.60 -20.22 4.84
CA PHE A 188 7.61 -21.24 3.84
C PHE A 188 9.01 -21.33 3.30
N THR A 189 9.65 -22.48 3.49
CA THR A 189 10.95 -22.76 2.89
C THR A 189 10.77 -23.49 1.57
N LEU A 190 11.59 -23.14 0.60
CA LEU A 190 11.37 -23.55 -0.74
C LEU A 190 12.64 -24.12 -1.29
N LYS A 191 12.50 -25.01 -2.26
CA LYS A 191 13.62 -25.55 -2.97
C LYS A 191 13.57 -24.98 -4.38
N PRO A 192 14.42 -23.99 -4.68
CA PRO A 192 14.37 -23.37 -6.02
C PRO A 192 14.67 -24.28 -7.22
N ILE A 193 15.59 -25.22 -7.02
CA ILE A 193 15.87 -26.40 -7.91
C ILE A 193 14.59 -27.00 -8.52
N SER A 194 13.63 -27.33 -7.66
CA SER A 194 12.50 -28.21 -8.01
C SER A 194 11.08 -27.62 -7.76
N ASP A 195 10.95 -26.63 -6.87
CA ASP A 195 9.64 -26.10 -6.55
C ASP A 195 9.25 -25.01 -7.53
N SER A 196 7.94 -24.87 -7.72
CA SER A 196 7.35 -23.86 -8.58
C SER A 196 6.41 -22.88 -7.82
N VAL A 197 6.09 -21.81 -8.51
CA VAL A 197 5.17 -20.83 -8.02
C VAL A 197 3.87 -21.49 -7.57
N GLY A 198 3.34 -22.42 -8.34
CA GLY A 198 2.10 -23.11 -7.97
C GLY A 198 2.23 -23.88 -6.67
N VAL A 199 3.36 -24.53 -6.47
CA VAL A 199 3.62 -25.28 -5.22
C VAL A 199 3.52 -24.31 -4.05
N PHE A 200 4.32 -23.25 -4.10
CA PHE A 200 4.29 -22.18 -3.10
C PHE A 200 2.90 -21.66 -2.83
N LEU A 201 2.12 -21.52 -3.89
CA LEU A 201 0.79 -20.98 -3.78
C LEU A 201 -0.15 -21.98 -3.20
N ARG A 202 0.00 -23.25 -3.54
CA ARG A 202 -0.87 -24.26 -2.96
C ARG A 202 -0.55 -24.38 -1.49
N GLN A 203 0.74 -24.31 -1.15
CA GLN A 203 1.15 -24.28 0.24
C GLN A 203 0.43 -23.16 0.96
N LEU A 204 0.47 -21.98 0.38
CA LEU A 204 -0.15 -20.78 0.97
C LEU A 204 -1.60 -20.94 1.31
N GLN A 205 -2.35 -21.61 0.44
CA GLN A 205 -3.77 -21.84 0.66
C GLN A 205 -3.98 -22.90 1.70
N GLU A 206 -3.14 -23.92 1.70
CA GLU A 206 -3.26 -25.00 2.69
C GLU A 206 -2.86 -24.58 4.11
N GLU A 207 -2.71 -23.28 4.32
CA GLU A 207 -2.35 -22.74 5.63
C GLU A 207 -3.56 -22.06 6.25
N ALA A 208 -3.85 -20.85 5.79
CA ALA A 208 -5.06 -20.14 6.22
C ALA A 208 -6.27 -20.68 5.44
N ARG A 209 -7.33 -21.03 6.18
CA ARG A 209 -8.54 -21.57 5.57
C ARG A 209 -9.56 -20.46 5.31
N GLY A 210 -9.08 -19.24 5.16
CA GLY A 210 -9.95 -18.10 4.91
C GLY A 210 -9.61 -17.39 3.61
N ILE A 211 -8.47 -17.74 3.02
CA ILE A 211 -8.04 -17.14 1.77
C ILE A 211 -8.91 -17.59 0.60
N ASP A 212 -9.22 -16.66 -0.30
CA ASP A 212 -10.05 -16.97 -1.47
C ASP A 212 -9.36 -16.67 -2.83
N ARG A 213 -8.15 -16.15 -2.78
CA ARG A 213 -7.45 -15.72 -3.99
C ARG A 213 -5.98 -15.56 -3.63
N VAL A 214 -5.10 -16.15 -4.44
CA VAL A 214 -3.64 -15.95 -4.31
C VAL A 214 -3.02 -15.92 -5.69
N ALA A 215 -2.18 -14.91 -5.95
CA ALA A 215 -1.55 -14.82 -7.26
C ALA A 215 -0.25 -14.09 -7.22
N ILE A 216 0.55 -14.32 -8.25
CA ILE A 216 1.85 -13.66 -8.39
C ILE A 216 1.92 -13.00 -9.75
N TYR A 217 2.45 -11.78 -9.76
CA TYR A 217 2.55 -10.97 -10.95
C TYR A 217 3.96 -10.38 -11.02
N SER A 218 4.43 -10.06 -12.23
CA SER A 218 5.65 -9.25 -12.40
C SER A 218 5.42 -7.86 -11.78
N PRO A 219 6.50 -7.11 -11.48
CA PRO A 219 6.26 -5.68 -11.10
C PRO A 219 5.48 -4.92 -12.18
N ASP A 220 5.69 -5.25 -13.44
CA ASP A 220 4.92 -4.62 -14.50
C ASP A 220 3.41 -4.99 -14.47
N GLY A 221 2.98 -5.87 -13.56
CA GLY A 221 1.57 -6.26 -13.46
C GLY A 221 1.09 -7.50 -14.25
N VAL A 222 2.02 -8.31 -14.79
CA VAL A 222 1.63 -9.54 -15.58
C VAL A 222 1.63 -10.81 -14.70
N ARG A 223 0.58 -11.62 -14.85
CA ARG A 223 0.43 -12.89 -14.10
C ARG A 223 1.56 -13.85 -14.45
N VAL A 224 2.35 -14.21 -13.43
CA VAL A 224 3.37 -15.25 -13.52
C VAL A 224 2.72 -16.63 -13.50
N ALA A 225 3.17 -17.52 -14.40
CA ALA A 225 2.58 -18.86 -14.56
C ALA A 225 2.87 -19.75 -13.36
N ALA A 226 1.92 -20.62 -13.04
CA ALA A 226 2.02 -21.52 -11.88
C ALA A 226 3.20 -22.48 -12.01
N SER A 227 3.49 -22.88 -13.22
CA SER A 227 4.51 -23.88 -13.48
C SER A 227 5.90 -23.30 -13.44
N THR A 228 5.99 -21.99 -13.25
CA THR A 228 7.28 -21.31 -13.20
C THR A 228 8.08 -21.71 -11.96
N GLY A 229 9.36 -21.96 -12.17
CA GLY A 229 10.23 -22.33 -11.11
C GLY A 229 10.50 -21.16 -10.21
N ILE A 230 10.72 -21.46 -8.94
CA ILE A 230 10.95 -20.50 -7.88
C ILE A 230 12.32 -19.87 -8.06
N ASP A 231 13.26 -20.63 -8.60
CA ASP A 231 14.58 -20.08 -9.04
C ASP A 231 14.42 -18.85 -9.92
N LEU A 232 13.52 -18.95 -10.89
CA LEU A 232 13.26 -17.90 -11.84
C LEU A 232 12.44 -16.79 -11.20
N LEU A 233 11.44 -17.16 -10.43
CA LEU A 233 10.68 -16.17 -9.72
C LEU A 233 11.58 -15.24 -8.90
N LEU A 234 12.57 -15.81 -8.20
CA LEU A 234 13.38 -15.05 -7.23
C LEU A 234 14.53 -14.28 -7.84
N LEU A 235 14.69 -14.37 -9.15
CA LEU A 235 15.62 -13.48 -9.88
C LEU A 235 15.17 -12.02 -9.89
N ASP A 236 13.93 -11.74 -9.48
CA ASP A 236 13.41 -10.38 -9.51
C ASP A 236 12.22 -10.18 -8.59
N ASP A 237 11.99 -8.93 -8.21
CA ASP A 237 10.88 -8.60 -7.33
C ASP A 237 9.58 -9.04 -7.98
N PHE A 238 8.53 -9.14 -7.17
CA PHE A 238 7.23 -9.56 -7.65
C PHE A 238 6.12 -9.15 -6.70
N LYS A 239 4.90 -9.32 -7.17
CA LYS A 239 3.73 -8.90 -6.46
C LYS A 239 2.99 -10.14 -6.05
N LEU A 240 2.76 -10.30 -4.76
CA LEU A 240 1.97 -11.37 -4.24
C LEU A 240 0.58 -10.87 -3.81
N VAL A 241 -0.45 -11.22 -4.55
CA VAL A 241 -1.82 -10.94 -4.15
C VAL A 241 -2.30 -12.00 -3.20
N ILE A 242 -2.90 -11.56 -2.09
CA ILE A 242 -3.44 -12.44 -1.05
C ILE A 242 -4.77 -11.96 -0.34
N ASN A 243 -5.94 -12.42 -0.81
CA ASN A 243 -7.24 -11.76 -0.81
C ASN A 243 -7.18 -10.38 -1.45
N ASP A 244 -7.55 -9.32 -0.75
CA ASP A 244 -7.61 -8.00 -1.39
C ASP A 244 -6.25 -7.33 -1.49
N LEU A 245 -5.34 -7.67 -0.57
CA LEU A 245 -4.03 -7.02 -0.47
C LEU A 245 -3.02 -7.54 -1.45
N THR A 246 -2.26 -6.62 -2.01
CA THR A 246 -1.16 -6.93 -2.90
C THR A 246 0.15 -6.47 -2.21
N TYR A 247 1.18 -7.30 -2.26
CA TYR A 247 2.43 -7.03 -1.58
C TYR A 247 3.58 -7.01 -2.55
N HIS A 248 4.36 -5.97 -2.52
CA HIS A 248 5.54 -5.94 -3.31
C HIS A 248 6.61 -6.76 -2.59
N VAL A 249 6.98 -7.89 -3.16
CA VAL A 249 8.06 -8.70 -2.59
C VAL A 249 9.36 -8.38 -3.30
N ARG A 250 10.47 -8.38 -2.54
CA ARG A 250 11.75 -7.88 -3.03
C ARG A 250 12.86 -8.83 -2.58
N PRO A 251 13.05 -9.92 -3.28
CA PRO A 251 14.05 -10.91 -2.93
C PRO A 251 15.42 -10.33 -2.95
N PRO A 252 16.30 -10.75 -2.04
CA PRO A 252 17.67 -10.21 -2.01
C PRO A 252 18.46 -10.78 -3.18
N LYS A 253 19.16 -9.91 -3.92
CA LYS A 253 19.90 -10.39 -5.05
C LYS A 253 21.16 -10.96 -4.47
S SO4 B . -11.62 -0.09 -0.90
O1 SO4 B . -12.05 0.85 -1.99
O2 SO4 B . -12.77 -0.38 -0.03
O3 SO4 B . -10.51 0.48 -0.09
O4 SO4 B . -11.11 -1.33 -1.48
S SO4 C . 14.91 13.56 -8.17
O1 SO4 C . 13.82 13.30 -7.20
O2 SO4 C . 14.40 14.36 -9.30
O3 SO4 C . 15.98 14.33 -7.50
O4 SO4 C . 15.45 12.27 -8.68
S SO4 D . 13.71 -3.26 0.77
O1 SO4 D . 13.80 -4.40 1.73
O2 SO4 D . 12.32 -3.09 0.30
O3 SO4 D . 14.14 -2.05 1.49
O4 SO4 D . 14.57 -3.47 -0.44
S SO4 E . -15.38 14.57 12.18
O1 SO4 E . -16.59 13.93 12.72
O2 SO4 E . -15.09 15.88 12.81
O3 SO4 E . -14.21 13.72 12.45
O4 SO4 E . -15.63 14.76 10.73
#